data_1GNZ
#
_entry.id   1GNZ
#
_cell.length_a   75.927
_cell.length_b   75.927
_cell.length_c   190.566
_cell.angle_alpha   90.00
_cell.angle_beta   90.00
_cell.angle_gamma   120.00
#
_symmetry.space_group_name_H-M   'P 64 2 2'
#
loop_
_entity.id
_entity.type
_entity.pdbx_description
1 polymer 'GSI-B4 ISOLECTIN'
2 non-polymer 'PHOSPHATE ION'
3 non-polymer 2-acetamido-2-deoxy-beta-D-glucopyranose
4 water water
#
_entity_poly.entity_id   1
_entity_poly.type   'polypeptide(L)'
_entity_poly.pdbx_seq_one_letter_code
;QSDSVSFTFPNFWSDVEDSIIFQGDANTTAGTLQLCKTNQYGTPLQWSAGRALYSDPVQLWDNKTESVASFYTEFTFFLK
ITGNGPADGLAFFLAPPDSDVKDAGEYLGLFNKSTATQPSKNQVVAVEFDTWTNPNFPEPSYRHIGINVNSIVSVATKRW
EDSDIFSGKIATARISYDGSAEILTVVLSYPDGSDYILSHSVDMRQNLPESVRVGISASTGNNQFLTVYILSWRFSSNLQ
STSVKAAMEPEITRTVV
;
_entity_poly.pdbx_strand_id   A
#
loop_
_chem_comp.id
_chem_comp.type
_chem_comp.name
_chem_comp.formula
NAG D-saccharide, beta linking 2-acetamido-2-deoxy-beta-D-glucopyranose 'C8 H15 N O6'
PO4 non-polymer 'PHOSPHATE ION' 'O4 P -3'
#
# COMPACT_ATOMS: atom_id res chain seq x y z
N SER A 4 1.87 -18.08 8.53
CA SER A 4 1.40 -19.37 7.93
C SER A 4 0.46 -19.12 6.75
N VAL A 5 0.60 -17.98 6.08
CA VAL A 5 -0.26 -17.65 4.96
C VAL A 5 0.54 -17.28 3.71
N SER A 6 0.07 -17.75 2.56
CA SER A 6 0.73 -17.44 1.29
C SER A 6 -0.30 -17.53 0.18
N PHE A 7 -0.16 -16.65 -0.81
CA PHE A 7 -1.07 -16.62 -1.95
C PHE A 7 -0.39 -16.06 -3.18
N THR A 8 -0.95 -16.35 -4.35
CA THR A 8 -0.37 -15.88 -5.60
C THR A 8 -1.43 -15.45 -6.59
N PHE A 9 -1.38 -14.19 -6.98
CA PHE A 9 -2.32 -13.67 -7.96
C PHE A 9 -1.49 -13.18 -9.14
N PRO A 10 -1.26 -14.06 -10.13
CA PRO A 10 -0.50 -13.72 -11.33
C PRO A 10 -1.18 -12.59 -12.09
N ASN A 11 -2.47 -12.42 -11.81
CA ASN A 11 -3.29 -11.37 -12.40
C ASN A 11 -4.64 -11.50 -11.73
N PHE A 12 -5.62 -10.70 -12.14
CA PHE A 12 -6.93 -10.79 -11.53
C PHE A 12 -8.11 -11.12 -12.44
N TRP A 13 -7.97 -12.17 -13.24
CA TRP A 13 -9.06 -12.58 -14.12
C TRP A 13 -9.87 -13.69 -13.47
N SER A 14 -9.31 -14.35 -12.45
CA SER A 14 -10.03 -15.43 -11.76
C SER A 14 -11.22 -14.83 -11.02
N ASP A 15 -12.00 -15.65 -10.33
CA ASP A 15 -13.12 -15.12 -9.56
C ASP A 15 -12.60 -14.05 -8.62
N VAL A 16 -11.61 -14.37 -7.80
CA VAL A 16 -11.00 -13.42 -6.88
C VAL A 16 -11.67 -13.02 -5.57
N GLU A 17 -12.98 -12.91 -5.58
CA GLU A 17 -13.70 -12.49 -4.38
C GLU A 17 -13.76 -13.55 -3.30
N ASP A 18 -13.28 -14.75 -3.59
CA ASP A 18 -13.21 -15.71 -2.51
C ASP A 18 -12.11 -15.14 -1.64
N SER A 19 -10.87 -15.20 -2.13
CA SER A 19 -9.70 -14.74 -1.39
C SER A 19 -9.58 -13.21 -1.21
N ILE A 20 -10.25 -12.40 -2.02
CA ILE A 20 -10.11 -10.94 -1.85
C ILE A 20 -11.33 -10.23 -1.27
N ILE A 21 -11.08 -9.20 -0.48
CA ILE A 21 -12.15 -8.40 0.13
C ILE A 21 -11.97 -6.99 -0.42
N PHE A 22 -13.00 -6.49 -1.09
CA PHE A 22 -12.96 -5.17 -1.68
C PHE A 22 -13.60 -4.12 -0.79
N GLN A 23 -12.86 -3.06 -0.51
CA GLN A 23 -13.36 -1.99 0.34
C GLN A 23 -13.31 -0.70 -0.45
N GLY A 24 -14.31 0.15 -0.26
CA GLY A 24 -14.34 1.41 -1.00
C GLY A 24 -14.52 1.13 -2.48
N ASP A 25 -13.93 1.97 -3.32
CA ASP A 25 -14.05 1.80 -4.77
C ASP A 25 -13.40 0.52 -5.33
N ALA A 26 -12.52 -0.11 -4.55
CA ALA A 26 -11.81 -1.31 -5.00
C ALA A 26 -12.65 -2.26 -5.85
N ASN A 27 -12.08 -2.70 -6.96
CA ASN A 27 -12.77 -3.63 -7.85
C ASN A 27 -11.74 -4.14 -8.86
N THR A 28 -12.09 -5.22 -9.57
CA THR A 28 -11.19 -5.75 -10.59
C THR A 28 -11.53 -5.08 -11.92
N THR A 29 -10.54 -4.99 -12.79
CA THR A 29 -10.70 -4.35 -14.09
C THR A 29 -9.70 -4.92 -15.09
N ALA A 30 -10.18 -5.83 -15.94
CA ALA A 30 -9.36 -6.46 -16.97
C ALA A 30 -8.13 -7.18 -16.39
N GLY A 31 -8.37 -8.15 -15.50
CA GLY A 31 -7.26 -8.87 -14.90
C GLY A 31 -6.41 -8.00 -14.01
N THR A 32 -6.86 -6.78 -13.80
CA THR A 32 -6.18 -5.83 -12.97
C THR A 32 -6.94 -5.55 -11.69
N LEU A 33 -6.25 -5.00 -10.70
CA LEU A 33 -6.91 -4.64 -9.45
C LEU A 33 -7.00 -3.14 -9.60
N GLN A 34 -8.20 -2.58 -9.58
CA GLN A 34 -8.35 -1.13 -9.71
C GLN A 34 -8.92 -0.62 -8.40
N LEU A 35 -8.09 0.16 -7.68
CA LEU A 35 -8.47 0.63 -6.36
C LEU A 35 -9.45 1.76 -6.28
N CYS A 36 -9.41 2.69 -7.21
CA CYS A 36 -10.36 3.79 -7.21
C CYS A 36 -11.24 3.68 -8.48
N LYS A 37 -12.34 4.44 -8.54
CA LYS A 37 -13.24 4.39 -9.70
C LYS A 37 -13.01 5.48 -10.74
N THR A 38 -13.43 5.21 -11.97
CA THR A 38 -13.30 6.15 -13.10
C THR A 38 -14.60 6.30 -13.90
N ASN A 39 -14.66 7.36 -14.73
CA ASN A 39 -15.80 7.63 -15.59
C ASN A 39 -15.98 6.47 -16.53
N GLN A 40 -16.87 6.68 -17.48
CA GLN A 40 -17.10 5.70 -18.53
C GLN A 40 -16.10 6.19 -19.56
N TYR A 41 -15.76 7.48 -19.45
CA TYR A 41 -14.79 8.16 -20.30
C TYR A 41 -13.42 7.91 -19.67
N GLY A 42 -13.37 6.92 -18.77
CA GLY A 42 -12.15 6.54 -18.09
C GLY A 42 -11.46 7.54 -17.18
N THR A 43 -12.08 8.69 -16.95
CA THR A 43 -11.48 9.70 -16.09
C THR A 43 -11.67 9.33 -14.62
N PRO A 44 -10.59 9.41 -13.80
CA PRO A 44 -10.58 9.10 -12.38
C PRO A 44 -11.46 10.03 -11.54
N LEU A 45 -12.35 9.45 -10.74
CA LEU A 45 -13.24 10.23 -9.88
C LEU A 45 -12.45 10.91 -8.75
N GLN A 46 -12.95 12.05 -8.28
CA GLN A 46 -12.26 12.78 -7.20
C GLN A 46 -12.54 12.25 -5.79
N TRP A 47 -11.59 12.51 -4.88
CA TRP A 47 -11.66 12.08 -3.48
C TRP A 47 -12.19 10.67 -3.30
N SER A 48 -11.51 9.71 -3.90
CA SER A 48 -11.93 8.32 -3.78
C SER A 48 -10.88 7.50 -3.05
N ALA A 49 -11.32 6.42 -2.44
CA ALA A 49 -10.42 5.53 -1.72
C ALA A 49 -10.85 4.11 -1.99
N GLY A 50 -9.87 3.20 -2.06
CA GLY A 50 -10.18 1.81 -2.31
C GLY A 50 -9.10 0.93 -1.73
N ARG A 51 -9.49 -0.24 -1.24
CA ARG A 51 -8.52 -1.15 -0.66
C ARG A 51 -8.91 -2.60 -0.94
N ALA A 52 -7.91 -3.42 -1.26
CA ALA A 52 -8.17 -4.83 -1.50
C ALA A 52 -7.45 -5.58 -0.39
N LEU A 53 -8.18 -6.36 0.38
CA LEU A 53 -7.60 -7.12 1.47
C LEU A 53 -7.66 -8.63 1.24
N TYR A 54 -6.62 -9.35 1.63
CA TYR A 54 -6.64 -10.80 1.49
C TYR A 54 -7.57 -11.26 2.60
N SER A 55 -8.56 -12.09 2.25
CA SER A 55 -9.55 -12.59 3.20
C SER A 55 -9.09 -13.46 4.38
N ASP A 56 -7.87 -13.98 4.32
CA ASP A 56 -7.36 -14.81 5.41
C ASP A 56 -6.38 -14.08 6.31
N PRO A 57 -6.67 -14.01 7.62
CA PRO A 57 -5.83 -13.35 8.62
C PRO A 57 -4.44 -13.95 8.72
N VAL A 58 -3.48 -13.11 9.07
CA VAL A 58 -2.08 -13.53 9.22
C VAL A 58 -1.61 -13.37 10.66
N GLN A 59 -0.98 -14.42 11.18
CA GLN A 59 -0.41 -14.38 12.53
C GLN A 59 0.87 -13.57 12.47
N LEU A 60 0.86 -12.35 13.03
CA LEU A 60 2.06 -11.53 13.01
C LEU A 60 2.98 -11.95 14.13
N TRP A 61 2.41 -12.13 15.30
CA TRP A 61 3.17 -12.54 16.46
C TRP A 61 2.29 -13.42 17.30
N ASP A 62 2.90 -14.06 18.26
CA ASP A 62 2.14 -14.93 19.13
C ASP A 62 2.52 -14.59 20.53
N ASN A 63 1.53 -14.14 21.28
CA ASN A 63 1.74 -13.74 22.66
C ASN A 63 2.61 -14.79 23.35
N LYS A 64 2.06 -15.96 23.48
CA LYS A 64 2.72 -17.09 24.10
C LYS A 64 4.06 -17.56 23.49
N THR A 65 3.97 -18.49 22.53
CA THR A 65 5.19 -19.01 21.89
C THR A 65 6.18 -17.91 21.39
N GLU A 66 5.82 -16.65 21.66
CA GLU A 66 6.55 -15.39 21.40
C GLU A 66 7.69 -15.16 20.39
N SER A 67 7.34 -14.58 19.24
CA SER A 67 8.27 -14.21 18.16
C SER A 67 7.42 -13.51 17.09
N VAL A 68 8.03 -12.64 16.29
CA VAL A 68 7.29 -11.93 15.24
C VAL A 68 7.54 -12.55 13.86
N ALA A 69 6.46 -12.89 13.16
CA ALA A 69 6.55 -13.49 11.82
C ALA A 69 7.45 -12.75 10.84
N SER A 70 7.89 -13.49 9.82
CA SER A 70 8.69 -12.92 8.74
C SER A 70 7.82 -13.09 7.50
N PHE A 71 7.90 -12.16 6.57
CA PHE A 71 7.10 -12.29 5.38
C PHE A 71 7.69 -11.56 4.19
N TYR A 72 7.23 -11.98 3.02
CA TYR A 72 7.67 -11.40 1.76
C TYR A 72 6.44 -11.12 0.93
N THR A 73 6.44 -9.98 0.24
CA THR A 73 5.29 -9.70 -0.59
C THR A 73 5.80 -9.05 -1.85
N GLU A 74 5.10 -9.33 -2.93
CA GLU A 74 5.48 -8.80 -4.22
C GLU A 74 4.22 -8.45 -5.00
N PHE A 75 4.28 -7.33 -5.71
CA PHE A 75 3.18 -6.91 -6.55
C PHE A 75 3.73 -5.95 -7.57
N THR A 76 3.06 -5.90 -8.72
CA THR A 76 3.45 -5.03 -9.82
C THR A 76 2.31 -4.04 -10.01
N PHE A 77 2.62 -2.83 -10.44
CA PHE A 77 1.57 -1.86 -10.66
C PHE A 77 1.90 -0.91 -11.78
N PHE A 78 0.87 -0.20 -12.22
CA PHE A 78 1.03 0.76 -13.28
C PHE A 78 0.36 2.06 -12.87
N LEU A 79 1.08 3.16 -13.07
CA LEU A 79 0.56 4.49 -12.78
C LEU A 79 0.14 5.07 -14.12
N LYS A 80 -1.17 5.07 -14.37
CA LYS A 80 -1.73 5.61 -15.61
C LYS A 80 -1.96 7.07 -15.33
N ILE A 81 -0.98 7.87 -15.73
CA ILE A 81 -1.00 9.29 -15.49
C ILE A 81 -1.23 10.09 -16.76
N THR A 82 -2.13 11.07 -16.67
CA THR A 82 -2.42 11.92 -17.80
C THR A 82 -1.78 13.28 -17.52
N GLY A 83 -2.43 14.08 -16.68
CA GLY A 83 -1.91 15.39 -16.33
C GLY A 83 -0.61 15.40 -15.54
N ASN A 84 -0.37 16.45 -14.76
CA ASN A 84 0.87 16.56 -14.01
C ASN A 84 0.69 16.59 -12.50
N GLY A 85 -0.54 16.35 -12.06
CA GLY A 85 -0.81 16.34 -10.63
C GLY A 85 -1.15 14.94 -10.12
N PRO A 86 -0.36 13.93 -10.49
CA PRO A 86 -0.69 12.60 -10.01
C PRO A 86 -0.76 12.63 -8.48
N ALA A 87 -1.83 12.04 -7.96
CA ALA A 87 -2.05 11.95 -6.51
C ALA A 87 -3.15 10.90 -6.33
N ASP A 88 -3.14 10.12 -5.27
CA ASP A 88 -2.13 10.14 -4.23
C ASP A 88 -1.17 8.96 -4.38
N GLY A 89 -1.66 7.86 -4.92
CA GLY A 89 -0.82 6.69 -5.10
C GLY A 89 -1.38 5.43 -4.47
N LEU A 90 -0.49 4.61 -3.93
CA LEU A 90 -0.92 3.38 -3.32
C LEU A 90 0.00 2.96 -2.17
N ALA A 91 -0.43 1.94 -1.43
CA ALA A 91 0.32 1.45 -0.33
C ALA A 91 -0.01 0.01 -0.03
N PHE A 92 0.96 -0.70 0.50
CA PHE A 92 0.78 -2.06 0.94
C PHE A 92 0.69 -1.85 2.45
N PHE A 93 -0.17 -2.59 3.15
CA PHE A 93 -0.29 -2.37 4.57
C PHE A 93 -0.84 -3.57 5.31
N LEU A 94 -0.73 -3.52 6.63
CA LEU A 94 -1.27 -4.56 7.51
C LEU A 94 -2.17 -3.86 8.51
N ALA A 95 -3.29 -4.49 8.86
CA ALA A 95 -4.24 -3.90 9.77
C ALA A 95 -5.05 -5.02 10.43
N PRO A 96 -5.84 -4.68 11.47
CA PRO A 96 -6.64 -5.73 12.13
C PRO A 96 -7.60 -6.36 11.11
N PRO A 97 -8.01 -7.61 11.34
CA PRO A 97 -8.91 -8.26 10.38
C PRO A 97 -10.17 -7.48 10.03
N ASP A 98 -10.67 -6.69 10.96
CA ASP A 98 -11.90 -5.93 10.71
C ASP A 98 -11.72 -4.48 10.26
N SER A 99 -10.50 -4.09 9.89
CA SER A 99 -10.28 -2.71 9.46
C SER A 99 -11.06 -2.36 8.18
N ASP A 100 -11.56 -1.12 8.13
CA ASP A 100 -12.32 -0.62 6.99
C ASP A 100 -11.60 0.58 6.36
N VAL A 101 -11.94 0.88 5.11
CA VAL A 101 -11.29 1.99 4.41
C VAL A 101 -11.45 3.32 5.17
N LYS A 102 -10.41 4.15 5.10
CA LYS A 102 -10.43 5.44 5.79
C LYS A 102 -10.55 6.58 4.81
N ASP A 103 -10.00 7.72 5.17
CA ASP A 103 -10.07 8.91 4.32
C ASP A 103 -9.30 8.82 3.00
N ALA A 104 -9.75 9.60 2.02
CA ALA A 104 -9.12 9.65 0.71
C ALA A 104 -7.99 10.67 0.82
N GLY A 105 -7.59 11.26 -0.29
CA GLY A 105 -6.51 12.23 -0.24
C GLY A 105 -5.22 11.58 0.20
N GLU A 106 -4.31 12.36 0.76
CA GLU A 106 -3.02 11.83 1.20
C GLU A 106 -3.09 10.78 2.33
N TYR A 107 -4.28 10.31 2.67
CA TYR A 107 -4.45 9.32 3.74
C TYR A 107 -4.46 7.89 3.18
N LEU A 108 -4.52 7.78 1.86
CA LEU A 108 -4.49 6.50 1.17
C LEU A 108 -5.48 5.48 1.75
N GLY A 109 -6.59 5.98 2.25
CA GLY A 109 -7.61 5.11 2.81
C GLY A 109 -7.13 4.30 4.00
N LEU A 110 -6.05 4.76 4.61
CA LEU A 110 -5.46 4.08 5.76
C LEU A 110 -5.61 4.87 7.06
N PHE A 111 -5.74 6.18 6.93
CA PHE A 111 -5.85 7.09 8.08
C PHE A 111 -7.05 8.03 7.96
N ASN A 112 -7.48 8.58 9.09
CA ASN A 112 -8.55 9.55 9.11
C ASN A 112 -7.84 10.90 9.17
N LYS A 113 -8.54 11.97 8.81
CA LYS A 113 -7.94 13.30 8.83
C LYS A 113 -7.42 13.79 10.20
N SER A 114 -8.17 13.51 11.25
CA SER A 114 -7.84 13.96 12.60
C SER A 114 -6.81 13.23 13.45
N THR A 115 -6.74 11.90 13.34
CA THR A 115 -5.78 11.12 14.13
C THR A 115 -4.60 10.56 13.36
N ALA A 116 -4.35 11.10 12.17
CA ALA A 116 -3.26 10.63 11.33
C ALA A 116 -1.89 10.60 12.01
N THR A 117 -1.63 11.55 12.89
CA THR A 117 -0.33 11.64 13.55
C THR A 117 -0.28 11.06 14.97
N GLN A 118 -1.42 10.63 15.48
CA GLN A 118 -1.48 10.06 16.82
C GLN A 118 -1.40 8.54 16.75
N PRO A 119 -0.20 7.97 16.89
CA PRO A 119 0.04 6.53 16.84
C PRO A 119 -0.85 5.64 17.70
N SER A 120 -1.23 6.13 18.87
CA SER A 120 -2.07 5.38 19.79
C SER A 120 -3.46 5.10 19.21
N LYS A 121 -3.98 6.02 18.42
CA LYS A 121 -5.29 5.86 17.81
C LYS A 121 -5.26 5.25 16.40
N ASN A 122 -4.26 4.42 16.15
CA ASN A 122 -4.14 3.77 14.85
C ASN A 122 -3.69 2.31 14.91
N GLN A 123 -4.11 1.56 13.90
CA GLN A 123 -3.80 0.14 13.79
C GLN A 123 -3.37 -0.13 12.37
N VAL A 124 -2.22 0.41 11.97
CA VAL A 124 -1.77 0.19 10.61
C VAL A 124 -0.30 0.46 10.33
N VAL A 125 0.35 -0.54 9.74
CA VAL A 125 1.74 -0.43 9.35
C VAL A 125 1.72 -0.57 7.82
N ALA A 126 2.32 0.40 7.14
CA ALA A 126 2.29 0.38 5.69
C ALA A 126 3.50 0.94 4.99
N VAL A 127 3.60 0.62 3.70
CA VAL A 127 4.65 1.09 2.82
C VAL A 127 3.87 1.87 1.78
N GLU A 128 4.11 3.16 1.72
CA GLU A 128 3.39 4.03 0.82
C GLU A 128 4.22 4.41 -0.37
N PHE A 129 3.54 4.65 -1.48
CA PHE A 129 4.16 5.06 -2.72
C PHE A 129 3.37 6.34 -3.00
N ASP A 130 3.92 7.47 -2.61
CA ASP A 130 3.23 8.74 -2.75
C ASP A 130 3.69 9.60 -3.91
N THR A 131 2.72 10.11 -4.66
CA THR A 131 2.99 10.95 -5.81
C THR A 131 2.49 12.36 -5.53
N TRP A 132 1.91 12.56 -4.35
CA TRP A 132 1.41 13.89 -3.98
C TRP A 132 2.56 14.81 -3.62
N THR A 133 2.32 16.12 -3.65
CA THR A 133 3.34 17.10 -3.31
C THR A 133 2.75 18.27 -2.51
N ASN A 134 1.96 17.95 -1.49
CA ASN A 134 1.32 18.93 -0.62
C ASN A 134 2.20 19.40 0.54
N PRO A 135 2.76 20.61 0.43
CA PRO A 135 3.65 21.22 1.43
C PRO A 135 3.03 21.43 2.82
N ASN A 136 1.71 21.54 2.89
CA ASN A 136 1.00 21.75 4.16
C ASN A 136 0.84 20.44 4.92
N PHE A 137 1.31 19.36 4.31
CA PHE A 137 1.23 18.03 4.88
C PHE A 137 2.55 17.69 5.54
N PRO A 138 2.56 16.80 6.55
CA PRO A 138 3.85 16.46 7.15
C PRO A 138 4.77 15.99 6.00
N GLU A 139 5.95 16.55 5.89
CA GLU A 139 6.86 16.22 4.80
C GLU A 139 7.41 14.80 4.81
N PRO A 140 8.47 14.50 3.99
CA PRO A 140 9.39 15.11 2.96
C PRO A 140 8.92 16.20 2.01
N SER A 141 7.63 16.23 1.67
CA SER A 141 7.09 17.22 0.74
C SER A 141 7.29 17.01 -0.79
N TYR A 142 7.99 15.97 -1.18
CA TYR A 142 8.20 15.67 -2.59
C TYR A 142 7.69 14.25 -2.82
N ARG A 143 7.53 13.87 -4.08
CA ARG A 143 7.06 12.53 -4.38
C ARG A 143 8.05 11.52 -3.82
N HIS A 144 7.54 10.54 -3.10
CA HIS A 144 8.45 9.60 -2.45
C HIS A 144 7.82 8.27 -2.08
N ILE A 145 8.70 7.37 -1.65
CA ILE A 145 8.34 6.04 -1.19
C ILE A 145 8.59 6.15 0.33
N GLY A 146 7.72 5.61 1.17
CA GLY A 146 7.95 5.70 2.60
C GLY A 146 7.40 4.56 3.44
N ILE A 147 7.94 4.39 4.64
CA ILE A 147 7.47 3.36 5.57
C ILE A 147 6.73 4.05 6.71
N ASN A 148 5.50 3.64 6.97
CA ASN A 148 4.70 4.25 8.01
C ASN A 148 4.24 3.29 9.08
N VAL A 149 4.31 3.76 10.32
CA VAL A 149 3.93 2.95 11.46
C VAL A 149 2.90 3.72 12.29
N ASN A 150 1.63 3.37 12.11
CA ASN A 150 0.54 4.01 12.81
C ASN A 150 0.51 5.52 12.76
N SER A 151 1.19 6.08 11.77
CA SER A 151 1.23 7.52 11.62
C SER A 151 1.40 7.89 10.16
N ILE A 152 1.00 9.10 9.80
CA ILE A 152 1.09 9.59 8.43
C ILE A 152 2.48 10.19 8.23
N VAL A 153 3.23 10.29 9.31
CA VAL A 153 4.58 10.83 9.21
C VAL A 153 5.52 9.61 9.23
N SER A 154 6.14 9.35 8.08
CA SER A 154 7.00 8.18 7.91
C SER A 154 8.29 8.14 8.71
N VAL A 155 8.66 6.94 9.18
CA VAL A 155 9.90 6.78 9.93
C VAL A 155 11.08 6.76 8.96
N ALA A 156 10.82 6.30 7.74
CA ALA A 156 11.84 6.24 6.71
C ALA A 156 11.23 6.62 5.38
N THR A 157 11.97 7.42 4.62
CA THR A 157 11.51 7.92 3.33
C THR A 157 12.62 7.87 2.27
N LYS A 158 12.24 7.61 1.03
CA LYS A 158 13.19 7.55 -0.06
C LYS A 158 12.54 8.24 -1.26
N ARG A 159 13.21 9.22 -1.81
CA ARG A 159 12.69 9.97 -2.93
C ARG A 159 12.43 9.12 -4.18
N TRP A 160 11.28 9.37 -4.79
CA TRP A 160 10.82 8.65 -5.97
C TRP A 160 10.81 9.58 -7.20
N GLU A 161 11.90 9.55 -7.96
CA GLU A 161 12.09 10.38 -9.15
C GLU A 161 10.89 10.33 -10.09
N ASP A 162 10.58 11.47 -10.71
CA ASP A 162 9.44 11.55 -11.63
C ASP A 162 9.64 10.78 -12.93
N SER A 163 10.89 10.65 -13.37
CA SER A 163 11.20 9.93 -14.60
C SER A 163 10.65 8.50 -14.53
N ASP A 164 10.59 7.94 -13.33
CA ASP A 164 10.06 6.60 -13.16
C ASP A 164 8.56 6.69 -12.92
N ILE A 165 8.15 7.58 -12.04
CA ILE A 165 6.73 7.74 -11.74
C ILE A 165 5.91 7.90 -13.00
N PHE A 166 6.41 8.73 -13.91
CA PHE A 166 5.75 9.01 -15.18
C PHE A 166 6.34 8.16 -16.30
N SER A 167 7.05 7.10 -15.95
CA SER A 167 7.69 6.24 -16.94
C SER A 167 6.70 5.60 -17.92
N GLY A 168 5.50 5.28 -17.46
CA GLY A 168 4.57 4.62 -18.35
C GLY A 168 5.00 3.16 -18.42
N LYS A 169 5.77 2.71 -17.41
CA LYS A 169 6.20 1.33 -17.34
C LYS A 169 5.64 0.63 -16.11
N ILE A 170 5.72 -0.70 -16.10
CA ILE A 170 5.22 -1.49 -15.00
C ILE A 170 6.29 -1.55 -13.90
N ALA A 171 5.91 -1.18 -12.68
CA ALA A 171 6.85 -1.18 -11.57
C ALA A 171 6.61 -2.41 -10.70
N THR A 172 7.68 -2.91 -10.12
CA THR A 172 7.59 -4.07 -9.25
C THR A 172 7.97 -3.65 -7.83
N ALA A 173 7.09 -3.95 -6.89
CA ALA A 173 7.30 -3.61 -5.50
C ALA A 173 7.59 -4.85 -4.71
N ARG A 174 8.71 -4.85 -3.99
CA ARG A 174 9.06 -5.99 -3.16
C ARG A 174 9.22 -5.54 -1.72
N ILE A 175 8.39 -6.09 -0.84
CA ILE A 175 8.43 -5.74 0.57
C ILE A 175 8.70 -6.96 1.44
N SER A 176 9.77 -6.91 2.22
CA SER A 176 10.10 -8.04 3.09
C SER A 176 10.24 -7.59 4.54
N TYR A 177 9.96 -8.52 5.44
CA TYR A 177 10.05 -8.26 6.86
C TYR A 177 10.72 -9.42 7.59
N ASP A 178 11.83 -9.12 8.25
CA ASP A 178 12.55 -10.13 9.02
C ASP A 178 12.08 -9.94 10.45
N GLY A 179 11.16 -10.80 10.87
CA GLY A 179 10.62 -10.70 12.22
C GLY A 179 11.59 -11.06 13.34
N SER A 180 12.86 -11.21 12.99
CA SER A 180 13.89 -11.53 13.97
C SER A 180 14.68 -10.25 14.19
N ALA A 181 15.23 -9.72 13.11
CA ALA A 181 16.00 -8.49 13.16
C ALA A 181 15.02 -7.33 13.18
N GLU A 182 13.75 -7.66 12.97
CA GLU A 182 12.65 -6.69 12.91
C GLU A 182 12.95 -5.53 11.96
N ILE A 183 13.28 -5.89 10.72
CA ILE A 183 13.61 -4.95 9.67
C ILE A 183 12.65 -5.13 8.49
N LEU A 184 12.08 -4.02 8.04
CA LEU A 184 11.15 -4.03 6.93
C LEU A 184 11.91 -3.42 5.75
N THR A 185 11.98 -4.14 4.63
CA THR A 185 12.68 -3.62 3.45
C THR A 185 11.72 -3.47 2.29
N VAL A 186 11.95 -2.43 1.49
CA VAL A 186 11.15 -2.17 0.30
C VAL A 186 12.07 -1.95 -0.88
N VAL A 187 11.85 -2.72 -1.94
CA VAL A 187 12.62 -2.56 -3.15
C VAL A 187 11.60 -2.25 -4.25
N LEU A 188 11.80 -1.15 -4.97
CA LEU A 188 10.89 -0.78 -6.05
C LEU A 188 11.71 -0.90 -7.32
N SER A 189 11.25 -1.75 -8.24
CA SER A 189 11.97 -1.95 -9.50
C SER A 189 11.21 -1.54 -10.75
N TYR A 190 11.97 -1.07 -11.73
CA TYR A 190 11.45 -0.67 -13.02
C TYR A 190 12.25 -1.42 -14.08
N PRO A 191 11.60 -1.87 -15.15
CA PRO A 191 12.36 -2.58 -16.18
C PRO A 191 13.52 -1.71 -16.70
N ASP A 192 13.41 -0.40 -16.49
CA ASP A 192 14.44 0.54 -16.91
C ASP A 192 15.77 0.17 -16.24
N GLY A 193 15.67 -0.58 -15.15
CA GLY A 193 16.86 -0.98 -14.42
C GLY A 193 16.87 -0.26 -13.08
N SER A 194 16.39 0.98 -13.08
CA SER A 194 16.32 1.83 -11.89
C SER A 194 15.60 1.17 -10.74
N ASP A 195 16.25 1.15 -9.58
CA ASP A 195 15.69 0.54 -8.37
C ASP A 195 15.79 1.43 -7.15
N TYR A 196 14.91 1.16 -6.19
CA TYR A 196 14.88 1.89 -4.94
C TYR A 196 14.91 0.90 -3.78
N ILE A 197 15.88 1.06 -2.87
CA ILE A 197 15.95 0.18 -1.71
C ILE A 197 15.73 1.02 -0.44
N LEU A 198 14.77 0.62 0.39
CA LEU A 198 14.48 1.33 1.63
C LEU A 198 14.28 0.33 2.77
N SER A 199 15.07 0.46 3.83
CA SER A 199 14.98 -0.43 4.97
C SER A 199 14.95 0.34 6.28
N HIS A 200 14.19 -0.18 7.25
CA HIS A 200 14.10 0.46 8.55
C HIS A 200 13.47 -0.48 9.57
N SER A 201 13.71 -0.17 10.83
CA SER A 201 13.20 -0.95 11.94
C SER A 201 11.72 -0.72 12.19
N VAL A 202 10.98 -1.80 12.41
CA VAL A 202 9.56 -1.74 12.69
C VAL A 202 9.23 -2.85 13.67
N ASP A 203 8.52 -2.49 14.73
CA ASP A 203 8.13 -3.46 15.74
C ASP A 203 6.69 -3.82 15.49
N MET A 204 6.47 -4.94 14.82
CA MET A 204 5.13 -5.40 14.51
C MET A 204 4.38 -5.80 15.77
N ARG A 205 5.12 -6.18 16.81
CA ARG A 205 4.48 -6.59 18.05
C ARG A 205 3.86 -5.43 18.82
N GLN A 206 4.50 -4.26 18.75
CA GLN A 206 4.04 -3.08 19.48
C GLN A 206 3.02 -2.22 18.75
N ASN A 207 2.92 -2.38 17.43
CA ASN A 207 2.01 -1.53 16.68
C ASN A 207 0.75 -2.19 16.12
N LEU A 208 0.76 -3.51 16.05
CA LEU A 208 -0.40 -4.22 15.50
C LEU A 208 -0.79 -5.39 16.38
N PRO A 209 -2.03 -5.88 16.24
CA PRO A 209 -2.56 -7.01 17.01
C PRO A 209 -1.91 -8.28 16.48
N GLU A 210 -2.17 -9.41 17.13
CA GLU A 210 -1.61 -10.69 16.73
C GLU A 210 -2.05 -11.11 15.34
N SER A 211 -3.30 -10.85 15.00
CA SER A 211 -3.83 -11.20 13.69
C SER A 211 -4.08 -9.99 12.83
N VAL A 212 -3.65 -10.08 11.58
CA VAL A 212 -3.83 -8.98 10.65
C VAL A 212 -4.35 -9.44 9.31
N ARG A 213 -4.66 -8.46 8.48
CA ARG A 213 -5.13 -8.68 7.13
C ARG A 213 -4.09 -7.91 6.34
N VAL A 214 -3.61 -8.45 5.22
CA VAL A 214 -2.65 -7.70 4.41
C VAL A 214 -3.43 -7.17 3.21
N GLY A 215 -3.09 -5.97 2.77
CA GLY A 215 -3.81 -5.41 1.64
C GLY A 215 -3.07 -4.31 0.91
N ILE A 216 -3.76 -3.71 -0.04
CA ILE A 216 -3.20 -2.63 -0.84
C ILE A 216 -4.32 -1.62 -0.99
N SER A 217 -3.97 -0.34 -0.98
CA SER A 217 -4.99 0.68 -1.11
C SER A 217 -4.49 1.85 -1.91
N ALA A 218 -5.42 2.63 -2.41
CA ALA A 218 -5.09 3.81 -3.19
C ALA A 218 -6.16 4.84 -2.88
N SER A 219 -5.89 6.08 -3.26
CA SER A 219 -6.84 7.13 -3.03
C SER A 219 -6.53 8.24 -4.01
N THR A 220 -7.52 9.09 -4.24
CA THR A 220 -7.33 10.22 -5.14
C THR A 220 -7.78 11.46 -4.38
N GLY A 221 -7.28 12.62 -4.80
CA GLY A 221 -7.66 13.85 -4.15
C GLY A 221 -8.47 14.74 -5.08
N ASN A 222 -7.95 15.95 -5.30
CA ASN A 222 -8.59 16.93 -6.18
C ASN A 222 -8.35 16.54 -7.64
N ASN A 223 -7.09 16.57 -8.05
CA ASN A 223 -6.71 16.21 -9.42
C ASN A 223 -7.36 14.89 -9.86
N GLN A 224 -7.37 14.65 -11.18
CA GLN A 224 -7.96 13.43 -11.73
C GLN A 224 -7.00 12.87 -12.77
N PHE A 225 -5.71 13.17 -12.59
CA PHE A 225 -4.67 12.73 -13.51
C PHE A 225 -4.09 11.34 -13.22
N LEU A 226 -4.60 10.64 -12.21
CA LEU A 226 -4.03 9.35 -11.86
C LEU A 226 -4.99 8.21 -11.64
N THR A 227 -4.58 7.03 -12.09
CA THR A 227 -5.33 5.80 -11.91
C THR A 227 -4.23 4.79 -11.61
N VAL A 228 -4.42 3.97 -10.58
CA VAL A 228 -3.41 3.00 -10.20
C VAL A 228 -3.94 1.61 -10.46
N TYR A 229 -3.13 0.75 -11.08
CA TYR A 229 -3.56 -0.63 -11.31
C TYR A 229 -2.56 -1.62 -10.71
N ILE A 230 -3.06 -2.63 -10.04
CA ILE A 230 -2.19 -3.67 -9.49
C ILE A 230 -2.41 -4.88 -10.40
N LEU A 231 -1.36 -5.25 -11.15
CA LEU A 231 -1.42 -6.35 -12.11
C LEU A 231 -1.25 -7.73 -11.50
N SER A 232 -0.50 -7.81 -10.40
CA SER A 232 -0.25 -9.10 -9.74
C SER A 232 0.14 -8.89 -8.27
N TRP A 233 -0.04 -9.92 -7.45
CA TRP A 233 0.29 -9.82 -6.04
C TRP A 233 0.52 -11.19 -5.41
N ARG A 234 1.72 -11.43 -4.92
CA ARG A 234 2.06 -12.70 -4.26
C ARG A 234 2.45 -12.37 -2.82
N PHE A 235 2.29 -13.33 -1.92
CA PHE A 235 2.57 -13.11 -0.51
C PHE A 235 2.89 -14.38 0.25
N SER A 236 3.79 -14.26 1.22
CA SER A 236 4.20 -15.40 2.01
C SER A 236 4.63 -14.99 3.41
N SER A 237 4.04 -15.65 4.40
CA SER A 237 4.35 -15.37 5.78
C SER A 237 4.64 -16.64 6.55
N ASN A 238 5.51 -16.53 7.54
CA ASN A 238 5.85 -17.66 8.39
C ASN A 238 6.15 -17.11 9.79
N LEU A 239 5.54 -17.74 10.79
CA LEU A 239 5.73 -17.35 12.18
C LEU A 239 6.49 -18.46 12.90
P PO4 B . -9.08 -0.22 12.98
O1 PO4 B . -8.11 -0.08 14.14
O2 PO4 B . -10.38 0.45 13.38
O3 PO4 B . -9.35 -1.71 12.73
O4 PO4 B . -8.54 0.52 11.78
P PO4 C . 10.53 -11.62 -9.72
O1 PO4 C . 9.14 -12.08 -10.22
O2 PO4 C . 10.45 -10.17 -9.20
C1 NAG D . -17.28 -4.22 -9.61
C2 NAG D . -18.56 -4.38 -8.76
C3 NAG D . -19.69 -4.96 -9.62
C4 NAG D . -19.89 -4.14 -10.89
C5 NAG D . -18.55 -4.03 -11.64
C6 NAG D . -18.63 -3.19 -12.89
C7 NAG D . -17.70 -4.82 -6.53
C8 NAG D . -17.45 -5.84 -5.41
N2 NAG D . -18.27 -5.27 -7.64
O3 NAG D . -20.90 -4.99 -8.88
O4 NAG D . -20.85 -4.77 -11.73
O5 NAG D . -17.56 -3.42 -10.78
O6 NAG D . -17.47 -3.35 -13.69
O7 NAG D . -17.36 -3.65 -6.36
C1 NAG E . -12.68 7.67 9.42
C2 NAG E . -13.92 7.84 10.33
C3 NAG E . -15.06 6.92 9.87
C4 NAG E . -15.35 7.20 8.39
C5 NAG E . -14.07 6.97 7.58
C6 NAG E . -14.27 7.22 6.11
C7 NAG E . -13.17 8.55 12.49
C8 NAG E . -12.79 8.21 13.92
N2 NAG E . -13.55 7.57 11.69
O3 NAG E . -16.22 7.17 10.66
O4 NAG E . -16.38 6.34 7.93
O5 NAG E . -13.03 7.87 8.04
O6 NAG E . -14.55 8.60 5.87
O7 NAG E . -13.13 9.73 12.12
#